data_6T28
#
_entry.id   6T28
#
_cell.length_a   57.640
_cell.length_b   45.620
_cell.length_c   108.949
_cell.angle_alpha   90.000
_cell.angle_beta   104.439
_cell.angle_gamma   90.000
#
_symmetry.space_group_name_H-M   'I 1 2 1'
#
loop_
_entity.id
_entity.type
_entity.pdbx_description
1 polymer 'Calcium/calmodulin-dependent protein kinase type 1D'
2 non-polymer 'SULFATE ION'
3 non-polymer 1,2-ETHANEDIOL
4 non-polymer 2-[(3~{S})-3-azanylpiperidin-1-yl]-4-[[2,6-di(propan-2-yl)pyridin-4-yl]amino]pyrimidine-5-carboxamide
5 water water
#
_entity_poly.entity_id   1
_entity_poly.type   'polypeptide(L)'
_entity_poly.pdbx_seq_one_letter_code
;MARENGESSSSWKKQAEDIKKIFEFKETLGTGAFSEVVLAEEKATGKLFAVKCIPKKALKGKESSIENEIAVLRKIKHEN
IVALEDIYESPNHLYLVMQLVSGGELFDRIVEKGFYTEKDASTLIRQVLDAVYYLHRMGIVHRDLKPENLLYYSQDEESK
IMISDFGLSKMEGKGDVMSTACGTPGYVAPEVLAQKPYSKAVDCWSIGVIAYILLCGYPPFYDENDSKLFEQILKAEYEF
DSPYWDDISDSAKDFIRNLMEKDPNKRYTCEQAARHPWIAGDTALNKNIHESVSAQIRKNFAKSKWRQAFNATAVVRHMR
KLHLGSSLDSSNASVSSSLSLASQKDCLAPSTLCSFISSSSGVSGVGAERRPRPTTVTAVHSGSK
;
_entity_poly.pdbx_strand_id   AAA
#
loop_
_chem_comp.id
_chem_comp.type
_chem_comp.name
_chem_comp.formula
EDO non-polymer 1,2-ETHANEDIOL 'C2 H6 O2'
M92 non-polymer 2-[(3~{S})-3-azanylpiperidin-1-yl]-4-[[2,6-di(propan-2-yl)pyridin-4-yl]amino]pyrimidine-5-carboxamide 'C21 H31 N7 O'
SO4 non-polymer 'SULFATE ION' 'O4 S -2'
#
# COMPACT_ATOMS: atom_id res chain seq x y z
N TRP A 12 23.88 3.74 -15.38
CA TRP A 12 22.40 3.73 -15.20
C TRP A 12 21.90 5.05 -14.61
N LYS A 13 22.64 5.65 -13.67
CA LYS A 13 22.23 6.92 -13.02
C LYS A 13 22.47 8.05 -14.00
N LYS A 14 21.46 8.88 -14.26
CA LYS A 14 21.64 10.12 -15.03
C LYS A 14 22.19 11.19 -14.09
N GLN A 15 22.97 12.10 -14.65
CA GLN A 15 23.61 13.17 -13.87
C GLN A 15 22.96 14.49 -14.25
N ALA A 16 22.71 15.36 -13.29
CA ALA A 16 22.18 16.71 -13.55
C ALA A 16 22.92 17.72 -12.69
N GLU A 17 23.40 18.81 -13.29
CA GLU A 17 23.98 19.95 -12.54
C GLU A 17 22.88 20.57 -11.67
N ASP A 18 21.67 20.59 -12.20
CA ASP A 18 20.48 21.16 -11.52
C ASP A 18 19.26 20.40 -12.02
N ILE A 19 18.50 19.79 -11.12
CA ILE A 19 17.33 18.94 -11.52
C ILE A 19 16.29 19.79 -12.27
N LYS A 20 16.29 21.11 -12.07
CA LYS A 20 15.30 22.01 -12.71
C LYS A 20 15.56 22.11 -14.22
N LYS A 21 16.75 21.76 -14.72
CA LYS A 21 17.01 21.68 -16.18
C LYS A 21 16.20 20.54 -16.80
N ILE A 22 15.76 19.55 -16.00
CA ILE A 22 15.08 18.33 -16.49
C ILE A 22 13.58 18.44 -16.22
N PHE A 23 13.19 18.86 -15.01
CA PHE A 23 11.80 18.82 -14.53
C PHE A 23 11.31 20.20 -14.09
N GLU A 24 10.06 20.48 -14.44
CA GLU A 24 9.23 21.51 -13.77
C GLU A 24 8.52 20.83 -12.60
N PHE A 25 8.85 21.23 -11.37
CA PHE A 25 8.19 20.72 -10.14
C PHE A 25 6.87 21.47 -9.92
N LYS A 26 5.83 20.73 -9.57
CA LYS A 26 4.47 21.25 -9.29
C LYS A 26 4.11 20.90 -7.83
N GLU A 27 2.91 20.39 -7.59
CA GLU A 27 2.40 20.19 -6.21
C GLU A 27 3.21 19.06 -5.54
N THR A 28 3.46 19.21 -4.24
CA THR A 28 4.00 18.14 -3.38
C THR A 28 2.90 17.10 -3.18
N LEU A 29 3.24 15.83 -3.43
CA LEU A 29 2.32 14.69 -3.22
C LEU A 29 2.48 14.13 -1.80
N GLY A 30 3.69 14.09 -1.28
CA GLY A 30 3.98 13.51 0.05
C GLY A 30 5.27 14.05 0.63
N THR A 31 5.34 14.17 1.96
CA THR A 31 6.60 14.53 2.69
C THR A 31 6.93 13.40 3.65
N GLY A 32 8.19 13.33 4.09
CA GLY A 32 8.73 12.28 4.99
C GLY A 32 9.97 12.81 5.71
N ALA A 33 10.72 11.92 6.39
CA ALA A 33 12.07 12.19 6.90
C ALA A 33 13.01 12.38 5.70
N PHE A 34 13.34 13.64 5.39
CA PHE A 34 14.36 14.05 4.38
C PHE A 34 14.07 13.34 3.05
N SER A 35 12.81 13.38 2.67
CA SER A 35 12.35 12.79 1.40
C SER A 35 11.06 13.51 1.04
N GLU A 36 10.91 13.96 -0.19
CA GLU A 36 9.66 14.61 -0.62
C GLU A 36 9.31 14.04 -1.98
N VAL A 37 8.05 13.64 -2.19
CA VAL A 37 7.55 13.17 -3.50
C VAL A 37 6.77 14.35 -4.09
N VAL A 38 7.19 14.80 -5.27
CA VAL A 38 6.58 15.95 -5.97
C VAL A 38 6.11 15.53 -7.36
N LEU A 39 4.98 16.06 -7.77
CA LEU A 39 4.49 15.94 -9.16
C LEU A 39 5.46 16.72 -10.03
N ALA A 40 6.03 16.12 -11.05
CA ALA A 40 6.99 16.81 -11.94
C ALA A 40 6.61 16.59 -13.40
N GLU A 41 6.81 17.60 -14.23
CA GLU A 41 6.72 17.49 -15.70
C GLU A 41 8.13 17.45 -16.28
N GLU A 42 8.41 16.42 -17.07
CA GLU A 42 9.68 16.33 -17.85
C GLU A 42 9.64 17.42 -18.92
N LYS A 43 10.57 18.38 -18.85
CA LYS A 43 10.53 19.56 -19.76
C LYS A 43 10.62 19.12 -21.21
N ALA A 44 11.43 18.11 -21.53
CA ALA A 44 11.74 17.68 -22.92
C ALA A 44 10.53 17.03 -23.60
N THR A 45 9.59 16.47 -22.84
CA THR A 45 8.52 15.59 -23.37
C THR A 45 7.11 16.05 -22.96
N GLY A 46 6.96 16.73 -21.83
CA GLY A 46 5.63 17.08 -21.27
C GLY A 46 5.05 15.95 -20.43
N LYS A 47 5.75 14.81 -20.33
CA LYS A 47 5.31 13.64 -19.52
C LYS A 47 5.39 13.94 -18.02
N LEU A 48 4.41 13.47 -17.26
CA LEU A 48 4.32 13.68 -15.80
C LEU A 48 4.89 12.46 -15.06
N PHE A 49 5.48 12.73 -13.91
CA PHE A 49 6.09 11.71 -13.05
C PHE A 49 5.88 12.11 -11.61
N ALA A 50 6.06 11.16 -10.69
CA ALA A 50 6.17 11.43 -9.25
C ALA A 50 7.65 11.32 -8.89
N VAL A 51 8.29 12.43 -8.54
CA VAL A 51 9.76 12.44 -8.30
C VAL A 51 10.01 12.45 -6.80
N LYS A 52 10.70 11.43 -6.31
CA LYS A 52 11.16 11.38 -4.91
C LYS A 52 12.51 12.10 -4.80
N CYS A 53 12.52 13.21 -4.07
CA CYS A 53 13.71 14.08 -3.89
C CYS A 53 14.38 13.75 -2.54
N ILE A 54 15.62 13.30 -2.59
CA ILE A 54 16.37 12.81 -1.40
C ILE A 54 17.70 13.56 -1.28
N PRO A 55 17.98 14.22 -0.14
CA PRO A 55 19.31 14.77 0.10
C PRO A 55 20.32 13.64 0.35
N LYS A 56 21.45 13.66 -0.38
CA LYS A 56 22.51 12.62 -0.27
C LYS A 56 23.05 12.60 1.16
N LYS A 57 23.08 13.75 1.84
CA LYS A 57 23.51 13.86 3.26
C LYS A 57 22.71 12.89 4.13
N ALA A 58 21.42 12.74 3.87
CA ALA A 58 20.53 11.82 4.61
C ALA A 58 20.92 10.35 4.35
N LEU A 59 21.71 10.08 3.31
CA LEU A 59 22.15 8.71 2.94
C LEU A 59 23.62 8.47 3.34
N LYS A 60 24.26 9.44 3.99
CA LYS A 60 25.67 9.31 4.47
C LYS A 60 25.80 7.94 5.16
N GLY A 61 26.79 7.14 4.73
CA GLY A 61 27.10 5.82 5.31
C GLY A 61 26.48 4.69 4.52
N LYS A 62 25.28 4.88 3.98
CA LYS A 62 24.48 3.82 3.31
C LYS A 62 24.33 4.12 1.82
N GLU A 63 24.78 5.29 1.37
CA GLU A 63 24.59 5.79 -0.02
C GLU A 63 24.70 4.61 -0.98
N SER A 64 25.85 3.94 -0.92
CA SER A 64 26.31 2.87 -1.83
C SER A 64 25.30 1.70 -1.85
N SER A 65 24.85 1.28 -0.66
CA SER A 65 23.90 0.15 -0.46
C SER A 65 22.54 0.49 -1.08
N ILE A 66 22.05 1.70 -0.82
CA ILE A 66 20.76 2.21 -1.37
C ILE A 66 20.86 2.29 -2.90
N GLU A 67 21.98 2.79 -3.43
CA GLU A 67 22.18 2.87 -4.90
C GLU A 67 22.19 1.46 -5.49
N ASN A 68 22.87 0.50 -4.86
CA ASN A 68 22.93 -0.90 -5.35
C ASN A 68 21.50 -1.46 -5.41
N GLU A 69 20.68 -1.13 -4.43
CA GLU A 69 19.30 -1.67 -4.36
C GLU A 69 18.40 -0.99 -5.42
N ILE A 70 18.49 0.34 -5.54
CA ILE A 70 17.83 1.11 -6.64
C ILE A 70 18.21 0.50 -7.99
N ALA A 71 19.47 0.13 -8.16
CA ALA A 71 20.00 -0.39 -9.44
C ALA A 71 19.32 -1.71 -9.77
N VAL A 72 18.95 -2.49 -8.74
CA VAL A 72 18.21 -3.78 -8.92
C VAL A 72 16.79 -3.44 -9.37
N LEU A 73 16.09 -2.57 -8.62
CA LEU A 73 14.64 -2.31 -8.79
C LEU A 73 14.36 -1.53 -10.08
N ARG A 74 15.32 -0.75 -10.59
CA ARG A 74 15.07 0.05 -11.83
C ARG A 74 14.83 -0.89 -13.01
N LYS A 75 15.28 -2.14 -12.92
CA LYS A 75 15.18 -3.10 -14.05
C LYS A 75 13.89 -3.91 -13.95
N ILE A 76 13.09 -3.72 -12.91
CA ILE A 76 11.94 -4.66 -12.65
C ILE A 76 10.64 -3.86 -12.53
N LYS A 77 9.66 -4.19 -13.36
CA LYS A 77 8.31 -3.60 -13.30
C LYS A 77 7.35 -4.69 -12.83
N HIS A 78 6.68 -4.43 -11.72
CA HIS A 78 5.53 -5.20 -11.24
C HIS A 78 4.25 -4.49 -11.63
N GLU A 79 3.30 -5.25 -12.18
CA GLU A 79 1.97 -4.72 -12.58
C GLU A 79 1.35 -3.85 -11.48
N ASN A 80 1.54 -4.19 -10.21
CA ASN A 80 0.80 -3.56 -9.11
C ASN A 80 1.74 -2.71 -8.24
N ILE A 81 2.86 -2.25 -8.78
CA ILE A 81 3.79 -1.36 -8.03
C ILE A 81 4.25 -0.26 -8.97
N VAL A 82 4.25 0.97 -8.43
CA VAL A 82 4.90 2.13 -9.06
C VAL A 82 6.23 1.70 -9.70
N ALA A 83 6.42 1.97 -10.98
CA ALA A 83 7.69 1.72 -11.69
C ALA A 83 8.72 2.78 -11.31
N LEU A 84 9.98 2.36 -11.14
CA LEU A 84 11.12 3.30 -11.04
C LEU A 84 11.65 3.55 -12.46
N GLU A 85 11.35 4.74 -13.00
CA GLU A 85 11.52 5.06 -14.44
C GLU A 85 12.95 5.54 -14.72
N ASP A 86 13.64 6.22 -13.79
CA ASP A 86 14.95 6.88 -13.94
C ASP A 86 15.39 7.31 -12.55
N ILE A 87 16.70 7.47 -12.49
CA ILE A 87 17.36 8.05 -11.30
C ILE A 87 18.30 9.14 -11.78
N TYR A 88 18.13 10.35 -11.25
CA TYR A 88 19.04 11.48 -11.48
C TYR A 88 19.84 11.70 -10.20
N GLU A 89 21.13 11.99 -10.38
CA GLU A 89 22.05 12.41 -9.31
C GLU A 89 22.53 13.83 -9.62
N SER A 90 22.24 14.76 -8.72
CA SER A 90 22.81 16.13 -8.68
C SER A 90 23.91 16.13 -7.63
N PRO A 91 24.69 17.23 -7.50
CA PRO A 91 25.80 17.25 -6.56
C PRO A 91 25.37 16.86 -5.14
N ASN A 92 24.18 17.27 -4.69
CA ASN A 92 23.71 17.04 -3.30
C ASN A 92 22.41 16.24 -3.20
N HIS A 93 21.78 15.79 -4.29
CA HIS A 93 20.51 15.01 -4.21
C HIS A 93 20.50 13.78 -5.11
N LEU A 94 19.66 12.81 -4.73
CA LEU A 94 19.14 11.76 -5.62
C LEU A 94 17.67 12.05 -5.93
N TYR A 95 17.27 11.84 -7.20
CA TYR A 95 15.87 12.01 -7.65
C TYR A 95 15.42 10.68 -8.21
N LEU A 96 14.49 10.02 -7.52
CA LEU A 96 13.92 8.76 -8.02
C LEU A 96 12.70 9.13 -8.83
N VAL A 97 12.78 8.93 -10.12
CA VAL A 97 11.68 9.31 -11.05
C VAL A 97 10.73 8.12 -11.10
N MET A 98 9.57 8.28 -10.50
CA MET A 98 8.59 7.19 -10.36
C MET A 98 7.41 7.43 -11.30
N GLN A 99 6.82 6.33 -11.72
CA GLN A 99 5.54 6.36 -12.47
C GLN A 99 4.51 7.15 -11.64
N LEU A 100 3.87 8.13 -12.25
CA LEU A 100 2.73 8.86 -11.63
C LEU A 100 1.49 7.97 -11.75
N VAL A 101 0.96 7.54 -10.61
CA VAL A 101 -0.26 6.72 -10.50
C VAL A 101 -1.44 7.68 -10.33
N SER A 102 -2.24 7.86 -11.39
CA SER A 102 -3.14 9.04 -11.53
C SER A 102 -4.62 8.66 -11.57
N GLY A 103 -4.96 7.38 -11.35
CA GLY A 103 -6.33 6.89 -11.52
C GLY A 103 -7.23 7.22 -10.35
N GLY A 104 -6.66 7.59 -9.19
CA GLY A 104 -7.40 8.08 -8.03
C GLY A 104 -7.22 7.23 -6.78
N GLU A 105 -7.83 7.67 -5.68
CA GLU A 105 -7.61 7.06 -4.34
C GLU A 105 -8.57 5.89 -4.12
N LEU A 106 -8.18 5.00 -3.19
CA LEU A 106 -8.83 3.70 -2.95
C LEU A 106 -10.25 3.92 -2.37
N PHE A 107 -10.37 4.61 -1.25
CA PHE A 107 -11.68 4.84 -0.57
C PHE A 107 -12.60 5.70 -1.46
N ASP A 108 -12.07 6.73 -2.14
CA ASP A 108 -12.87 7.56 -3.07
C ASP A 108 -13.60 6.69 -4.11
N ARG A 109 -12.91 5.74 -4.74
CA ARG A 109 -13.50 4.83 -5.77
C ARG A 109 -14.69 4.09 -5.16
N ILE A 110 -14.50 3.52 -3.96
CA ILE A 110 -15.54 2.68 -3.32
C ILE A 110 -16.73 3.58 -3.02
N VAL A 111 -16.50 4.78 -2.48
CA VAL A 111 -17.61 5.71 -2.15
C VAL A 111 -18.33 6.15 -3.42
N GLU A 112 -17.59 6.42 -4.51
CA GLU A 112 -18.15 6.96 -5.79
C GLU A 112 -18.92 5.88 -6.56
N LYS A 113 -18.57 4.59 -6.39
CA LYS A 113 -19.25 3.42 -7.05
C LYS A 113 -20.70 3.36 -6.56
N GLY A 114 -21.64 2.84 -7.35
CA GLY A 114 -23.00 2.53 -6.88
C GLY A 114 -23.09 1.10 -6.37
N PHE A 115 -22.08 0.31 -6.68
CA PHE A 115 -22.11 -1.17 -6.55
C PHE A 115 -20.72 -1.67 -6.16
N TYR A 116 -20.68 -2.48 -5.13
CA TYR A 116 -19.42 -2.96 -4.54
C TYR A 116 -19.68 -4.23 -3.76
N THR A 117 -18.89 -5.26 -4.01
CA THR A 117 -19.10 -6.61 -3.43
C THR A 117 -17.83 -7.13 -2.77
N GLU A 118 -17.94 -8.24 -2.06
CA GLU A 118 -16.74 -8.94 -1.54
C GLU A 118 -15.80 -9.28 -2.69
N LYS A 119 -16.32 -9.69 -3.85
CA LYS A 119 -15.43 -10.06 -4.99
C LYS A 119 -14.56 -8.85 -5.36
N ASP A 120 -15.11 -7.64 -5.28
CA ASP A 120 -14.32 -6.42 -5.56
C ASP A 120 -13.20 -6.27 -4.52
N ALA A 121 -13.53 -6.43 -3.25
CA ALA A 121 -12.53 -6.35 -2.16
C ALA A 121 -11.47 -7.43 -2.36
N SER A 122 -11.89 -8.66 -2.68
CA SER A 122 -10.97 -9.79 -2.89
C SER A 122 -10.02 -9.49 -4.07
N THR A 123 -10.55 -8.96 -5.15
CA THR A 123 -9.73 -8.58 -6.34
C THR A 123 -8.66 -7.56 -5.91
N LEU A 124 -9.01 -6.59 -5.09
CA LEU A 124 -8.05 -5.56 -4.62
C LEU A 124 -6.99 -6.23 -3.76
N ILE A 125 -7.41 -7.06 -2.81
CA ILE A 125 -6.43 -7.69 -1.87
C ILE A 125 -5.52 -8.64 -2.67
N ARG A 126 -6.06 -9.33 -3.65
CA ARG A 126 -5.24 -10.26 -4.47
C ARG A 126 -4.09 -9.48 -5.11
N GLN A 127 -4.38 -8.28 -5.60
CA GLN A 127 -3.33 -7.48 -6.29
C GLN A 127 -2.29 -7.05 -5.26
N VAL A 128 -2.74 -6.64 -4.08
CA VAL A 128 -1.82 -6.17 -3.01
C VAL A 128 -0.94 -7.35 -2.57
N LEU A 129 -1.52 -8.52 -2.38
CA LEU A 129 -0.74 -9.73 -2.03
C LEU A 129 0.32 -10.01 -3.10
N ASP A 130 -0.03 -9.91 -4.38
CA ASP A 130 0.95 -10.17 -5.48
C ASP A 130 2.13 -9.18 -5.33
N ALA A 131 1.85 -7.90 -5.18
CA ALA A 131 2.86 -6.82 -5.10
C ALA A 131 3.76 -7.08 -3.90
N VAL A 132 3.15 -7.33 -2.74
CA VAL A 132 3.90 -7.47 -1.46
C VAL A 132 4.73 -8.75 -1.47
N TYR A 133 4.21 -9.85 -2.04
CA TYR A 133 4.96 -11.11 -2.16
C TYR A 133 6.24 -10.81 -2.93
N TYR A 134 6.14 -10.08 -4.04
CA TYR A 134 7.31 -9.69 -4.86
C TYR A 134 8.30 -8.86 -4.03
N LEU A 135 7.85 -7.79 -3.35
CA LEU A 135 8.74 -6.94 -2.52
C LEU A 135 9.48 -7.84 -1.52
N HIS A 136 8.77 -8.75 -0.89
CA HIS A 136 9.36 -9.65 0.13
C HIS A 136 10.44 -10.52 -0.50
N ARG A 137 10.18 -11.06 -1.69
CA ARG A 137 11.22 -11.88 -2.37
C ARG A 137 12.47 -11.02 -2.61
N MET A 138 12.32 -9.74 -2.91
CA MET A 138 13.47 -8.84 -3.18
C MET A 138 14.10 -8.35 -1.86
N GLY A 139 13.62 -8.84 -0.72
CA GLY A 139 14.16 -8.48 0.61
C GLY A 139 13.62 -7.16 1.11
N ILE A 140 12.50 -6.68 0.57
CA ILE A 140 11.88 -5.40 1.03
C ILE A 140 10.67 -5.71 1.90
N VAL A 141 10.70 -5.20 3.13
CA VAL A 141 9.51 -5.14 4.03
C VAL A 141 8.94 -3.74 3.86
N HIS A 142 7.68 -3.62 3.43
CA HIS A 142 7.09 -2.31 3.11
C HIS A 142 6.98 -1.48 4.39
N ARG A 143 6.34 -2.07 5.41
CA ARG A 143 6.21 -1.51 6.78
C ARG A 143 5.20 -0.37 6.84
N ASP A 144 4.62 0.07 5.71
CA ASP A 144 3.74 1.27 5.68
C ASP A 144 2.55 1.02 4.76
N LEU A 145 2.03 -0.21 4.73
CA LEU A 145 0.89 -0.52 3.85
C LEU A 145 -0.35 0.04 4.50
N LYS A 146 -1.06 0.86 3.76
CA LYS A 146 -2.27 1.54 4.21
C LYS A 146 -2.92 2.13 2.98
N PRO A 147 -4.21 2.49 3.06
CA PRO A 147 -4.94 2.97 1.89
C PRO A 147 -4.24 4.12 1.15
N GLU A 148 -3.49 4.97 1.88
CA GLU A 148 -2.87 6.17 1.27
C GLU A 148 -1.78 5.74 0.26
N ASN A 149 -1.19 4.55 0.43
CA ASN A 149 -0.14 4.06 -0.49
C ASN A 149 -0.75 3.21 -1.61
N LEU A 150 -2.09 3.09 -1.69
CA LEU A 150 -2.77 2.29 -2.74
C LEU A 150 -3.56 3.23 -3.64
N LEU A 151 -3.14 3.35 -4.90
CA LEU A 151 -3.79 4.26 -5.87
C LEU A 151 -4.15 3.45 -7.12
N TYR A 152 -5.22 3.83 -7.79
CA TYR A 152 -5.59 3.21 -9.06
C TYR A 152 -4.72 3.71 -10.21
N TYR A 153 -4.38 2.80 -11.14
CA TYR A 153 -3.66 3.12 -12.39
C TYR A 153 -4.48 4.08 -13.27
N SER A 154 -5.79 3.87 -13.40
CA SER A 154 -6.64 4.64 -14.33
C SER A 154 -8.01 4.84 -13.71
N GLN A 155 -8.80 5.75 -14.27
CA GLN A 155 -10.13 6.09 -13.71
C GLN A 155 -11.11 4.99 -14.14
N ASP A 156 -10.67 4.17 -15.09
CA ASP A 156 -11.37 3.03 -15.74
C ASP A 156 -11.97 2.07 -14.70
N GLU A 157 -13.11 1.53 -15.07
CA GLU A 157 -13.87 0.49 -14.34
C GLU A 157 -12.96 -0.67 -13.92
N GLU A 158 -12.07 -1.09 -14.82
CA GLU A 158 -11.29 -2.33 -14.68
C GLU A 158 -9.89 -2.01 -14.14
N SER A 159 -9.64 -0.78 -13.70
CA SER A 159 -8.27 -0.38 -13.33
C SER A 159 -7.73 -1.30 -12.22
N LYS A 160 -6.51 -1.73 -12.40
CA LYS A 160 -5.69 -2.33 -11.32
C LYS A 160 -5.43 -1.28 -10.25
N ILE A 161 -5.14 -1.78 -9.07
CA ILE A 161 -4.62 -0.98 -7.92
C ILE A 161 -3.10 -1.13 -7.92
N MET A 162 -2.40 -0.12 -7.38
CA MET A 162 -0.92 -0.13 -7.33
C MET A 162 -0.44 0.37 -5.97
N ILE A 163 0.60 -0.28 -5.46
CA ILE A 163 1.40 0.31 -4.37
C ILE A 163 2.08 1.55 -4.97
N SER A 164 1.78 2.75 -4.48
CA SER A 164 2.14 4.02 -5.17
C SER A 164 3.51 4.50 -4.68
N ASP A 165 3.98 3.94 -3.55
CA ASP A 165 5.22 4.40 -2.88
C ASP A 165 5.68 3.31 -1.93
N PHE A 166 7.00 3.19 -1.77
CA PHE A 166 7.62 2.26 -0.80
C PHE A 166 9.01 2.81 -0.51
N GLY A 167 9.57 2.42 0.64
CA GLY A 167 10.93 2.79 1.09
C GLY A 167 11.95 1.73 0.71
N LEU A 168 13.16 2.16 0.38
CA LEU A 168 14.30 1.27 -0.04
C LEU A 168 14.93 0.61 1.19
N PRO A 185 -0.26 3.69 13.58
CA PRO A 185 -0.48 2.71 14.63
C PRO A 185 -1.52 1.65 14.24
N GLY A 186 -2.70 2.10 13.77
CA GLY A 186 -3.87 1.24 13.51
C GLY A 186 -3.60 0.16 12.47
N TYR A 187 -2.59 0.32 11.62
CA TYR A 187 -2.20 -0.64 10.55
C TYR A 187 -0.93 -1.41 10.95
N VAL A 188 -0.37 -1.10 12.12
CA VAL A 188 0.97 -1.63 12.54
C VAL A 188 0.79 -2.90 13.38
N ALA A 189 1.62 -3.91 13.09
CA ALA A 189 1.55 -5.26 13.70
C ALA A 189 1.80 -5.17 15.20
N PRO A 190 1.18 -6.07 16.00
CA PRO A 190 1.39 -6.10 17.44
C PRO A 190 2.87 -6.19 17.82
N GLU A 191 3.65 -7.01 17.12
CA GLU A 191 5.07 -7.23 17.48
C GLU A 191 5.88 -5.94 17.30
N VAL A 192 5.46 -5.03 16.41
CA VAL A 192 6.16 -3.73 16.19
C VAL A 192 5.84 -2.81 17.37
N LEU A 193 4.57 -2.73 17.77
CA LEU A 193 4.14 -1.94 18.96
C LEU A 193 4.81 -2.47 20.24
N ALA A 194 5.04 -3.78 20.32
CA ALA A 194 5.66 -4.46 21.49
C ALA A 194 7.18 -4.21 21.51
N GLN A 195 7.72 -3.51 20.52
CA GLN A 195 9.18 -3.30 20.35
C GLN A 195 9.89 -4.66 20.29
N LYS A 196 9.22 -5.70 19.79
CA LYS A 196 9.82 -7.05 19.57
C LYS A 196 10.48 -7.07 18.20
N PRO A 197 11.37 -8.04 17.93
CA PRO A 197 11.89 -8.26 16.59
C PRO A 197 10.72 -8.46 15.61
N TYR A 198 10.83 -7.95 14.40
CA TYR A 198 9.75 -8.12 13.39
C TYR A 198 10.35 -8.42 12.03
N SER A 199 9.52 -8.93 11.14
CA SER A 199 9.93 -9.48 9.82
C SER A 199 8.92 -9.03 8.77
N LYS A 200 9.04 -9.60 7.57
CA LYS A 200 8.09 -9.41 6.44
C LYS A 200 6.64 -9.62 6.90
N ALA A 201 6.42 -10.42 7.95
CA ALA A 201 5.06 -10.76 8.43
C ALA A 201 4.27 -9.50 8.82
N VAL A 202 4.94 -8.41 9.18
CA VAL A 202 4.21 -7.18 9.61
C VAL A 202 3.35 -6.71 8.44
N ASP A 203 3.79 -6.95 7.20
CA ASP A 203 3.03 -6.48 6.00
C ASP A 203 1.73 -7.27 5.90
N CYS A 204 1.80 -8.55 6.22
CA CYS A 204 0.65 -9.48 6.08
C CYS A 204 -0.42 -9.04 7.08
N TRP A 205 -0.03 -8.64 8.28
CA TRP A 205 -0.96 -8.04 9.27
C TRP A 205 -1.65 -6.81 8.65
N SER A 206 -0.88 -5.90 8.07
CA SER A 206 -1.41 -4.65 7.46
C SER A 206 -2.42 -4.99 6.36
N ILE A 207 -2.12 -5.99 5.53
CA ILE A 207 -3.08 -6.38 4.45
C ILE A 207 -4.38 -6.88 5.10
N GLY A 208 -4.28 -7.61 6.20
CA GLY A 208 -5.46 -8.07 6.94
C GLY A 208 -6.31 -6.88 7.41
N VAL A 209 -5.66 -5.85 7.94
CA VAL A 209 -6.37 -4.65 8.42
C VAL A 209 -7.04 -3.95 7.23
N ILE A 210 -6.34 -3.83 6.13
CA ILE A 210 -6.94 -3.18 4.92
C ILE A 210 -8.15 -4.00 4.46
N ALA A 211 -8.04 -5.32 4.43
CA ALA A 211 -9.16 -6.20 4.02
C ALA A 211 -10.35 -5.96 4.95
N TYR A 212 -10.10 -5.85 6.25
CA TYR A 212 -11.16 -5.58 7.25
C TYR A 212 -11.89 -4.30 6.82
N ILE A 213 -11.15 -3.21 6.64
CA ILE A 213 -11.77 -1.91 6.27
C ILE A 213 -12.51 -2.00 4.93
N LEU A 214 -11.96 -2.70 3.96
CA LEU A 214 -12.62 -2.85 2.64
C LEU A 214 -13.97 -3.57 2.79
N LEU A 215 -14.17 -4.41 3.80
CA LEU A 215 -15.44 -5.16 3.89
C LEU A 215 -16.46 -4.50 4.79
N CYS A 216 -16.08 -3.51 5.61
CA CYS A 216 -17.06 -2.87 6.52
C CYS A 216 -16.96 -1.34 6.53
N GLY A 217 -15.83 -0.76 6.12
CA GLY A 217 -15.69 0.70 6.02
C GLY A 217 -15.17 1.34 7.29
N TYR A 218 -14.76 0.58 8.30
CA TYR A 218 -14.20 1.17 9.53
C TYR A 218 -13.02 0.34 10.01
N PRO A 219 -12.07 0.95 10.75
CA PRO A 219 -10.90 0.23 11.21
C PRO A 219 -11.23 -0.77 12.31
N PRO A 220 -10.48 -1.87 12.38
CA PRO A 220 -10.73 -2.91 13.40
C PRO A 220 -10.35 -2.49 14.81
N PHE A 221 -9.40 -1.57 14.94
CA PHE A 221 -8.97 -1.09 16.28
C PHE A 221 -9.21 0.41 16.36
N TYR A 222 -9.84 0.83 17.46
CA TYR A 222 -9.93 2.26 17.87
C TYR A 222 -10.44 2.34 19.32
N ASP A 223 -9.88 3.28 20.11
CA ASP A 223 -10.37 3.63 21.47
C ASP A 223 -10.23 5.14 21.70
N LYS A 228 -5.51 2.35 25.60
CA LYS A 228 -6.43 1.20 25.45
C LYS A 228 -6.32 0.64 24.03
N LEU A 229 -6.28 1.53 23.04
CA LEU A 229 -6.05 1.19 21.61
C LEU A 229 -4.79 0.33 21.50
N PHE A 230 -3.69 0.81 22.07
CA PHE A 230 -2.37 0.14 22.04
C PHE A 230 -2.52 -1.29 22.56
N GLU A 231 -3.24 -1.44 23.68
CA GLU A 231 -3.46 -2.74 24.35
C GLU A 231 -4.31 -3.65 23.45
N GLN A 232 -5.36 -3.11 22.84
CA GLN A 232 -6.24 -3.88 21.91
C GLN A 232 -5.41 -4.38 20.73
N ILE A 233 -4.55 -3.55 20.14
CA ILE A 233 -3.69 -4.02 19.00
C ILE A 233 -2.74 -5.09 19.54
N LEU A 234 -2.09 -4.82 20.68
CA LEU A 234 -1.10 -5.75 21.28
C LEU A 234 -1.74 -7.13 21.46
N LYS A 235 -3.02 -7.20 21.85
CA LYS A 235 -3.73 -8.48 22.14
C LYS A 235 -4.52 -8.96 20.91
N ALA A 236 -4.45 -8.24 19.79
CA ALA A 236 -5.20 -8.54 18.54
C ALA A 236 -6.68 -8.73 18.87
N GLU A 237 -7.23 -7.79 19.64
CA GLU A 237 -8.63 -7.81 20.13
C GLU A 237 -9.49 -7.01 19.16
N TYR A 238 -10.21 -7.70 18.31
CA TYR A 238 -11.16 -7.09 17.35
C TYR A 238 -12.32 -8.07 17.16
N GLU A 239 -13.38 -7.56 16.56
CA GLU A 239 -14.64 -8.31 16.35
C GLU A 239 -15.18 -8.01 14.96
N PHE A 240 -15.91 -8.98 14.40
CA PHE A 240 -16.77 -8.79 13.20
C PHE A 240 -18.17 -8.43 13.68
N ASP A 241 -18.34 -7.17 14.08
CA ASP A 241 -19.55 -6.74 14.80
C ASP A 241 -20.76 -6.58 13.85
N SER A 242 -21.91 -6.89 14.38
CA SER A 242 -23.23 -6.69 13.74
C SER A 242 -23.64 -5.23 13.84
N PRO A 243 -24.44 -4.69 12.88
CA PRO A 243 -24.93 -5.47 11.74
C PRO A 243 -23.93 -5.53 10.57
N TYR A 244 -22.84 -4.78 10.67
CA TYR A 244 -21.92 -4.47 9.56
C TYR A 244 -21.36 -5.76 8.94
N TRP A 245 -21.10 -6.78 9.77
CA TRP A 245 -20.46 -8.03 9.30
C TRP A 245 -21.50 -9.14 9.04
N ASP A 246 -22.80 -8.89 9.16
CA ASP A 246 -23.81 -9.98 9.10
C ASP A 246 -23.87 -10.59 7.71
N ASP A 247 -23.74 -9.79 6.66
CA ASP A 247 -23.90 -10.29 5.27
C ASP A 247 -22.52 -10.56 4.65
N ILE A 248 -21.47 -10.61 5.45
CA ILE A 248 -20.11 -10.96 4.99
C ILE A 248 -19.91 -12.46 5.21
N SER A 249 -19.28 -13.11 4.25
CA SER A 249 -19.08 -14.58 4.23
C SER A 249 -18.19 -14.99 5.39
N ASP A 250 -18.41 -16.20 5.87
CA ASP A 250 -17.49 -16.85 6.83
C ASP A 250 -16.10 -16.93 6.20
N SER A 251 -16.00 -17.20 4.90
CA SER A 251 -14.68 -17.32 4.24
C SER A 251 -13.89 -16.02 4.37
N ALA A 252 -14.50 -14.88 4.10
CA ALA A 252 -13.86 -13.56 4.26
C ALA A 252 -13.40 -13.39 5.70
N LYS A 253 -14.24 -13.75 6.67
CA LYS A 253 -13.87 -13.57 8.10
C LYS A 253 -12.67 -14.45 8.42
N ASP A 254 -12.67 -15.67 7.90
CA ASP A 254 -11.57 -16.62 8.16
C ASP A 254 -10.29 -16.06 7.53
N PHE A 255 -10.40 -15.53 6.31
CA PHE A 255 -9.25 -14.92 5.61
C PHE A 255 -8.64 -13.85 6.50
N ILE A 256 -9.46 -12.93 6.99
CA ILE A 256 -8.97 -11.79 7.82
C ILE A 256 -8.38 -12.35 9.13
N ARG A 257 -9.04 -13.31 9.78
CA ARG A 257 -8.54 -13.88 11.07
C ARG A 257 -7.11 -14.42 10.88
N ASN A 258 -6.80 -14.97 9.71
CA ASN A 258 -5.53 -15.66 9.43
C ASN A 258 -4.43 -14.61 9.21
N LEU A 259 -4.78 -13.40 8.78
CA LEU A 259 -3.80 -12.30 8.59
C LEU A 259 -3.70 -11.47 9.87
N MET A 260 -4.81 -11.14 10.50
CA MET A 260 -4.82 -10.35 11.75
C MET A 260 -4.66 -11.36 12.90
N GLU A 261 -3.53 -12.06 12.87
CA GLU A 261 -3.14 -13.10 13.85
C GLU A 261 -1.99 -12.51 14.68
N LYS A 262 -2.14 -12.44 16.00
CA LYS A 262 -1.17 -11.79 16.92
C LYS A 262 0.24 -12.39 16.75
N ASP A 263 0.31 -13.71 16.66
CA ASP A 263 1.57 -14.48 16.57
C ASP A 263 2.06 -14.43 15.11
N PRO A 264 3.18 -13.73 14.82
CA PRO A 264 3.69 -13.66 13.45
C PRO A 264 4.14 -15.00 12.87
N ASN A 265 4.46 -15.98 13.72
CA ASN A 265 4.84 -17.36 13.31
C ASN A 265 3.60 -18.08 12.74
N LYS A 266 2.42 -17.87 13.34
CA LYS A 266 1.12 -18.51 13.01
C LYS A 266 0.44 -17.76 11.84
N ARG A 267 0.66 -16.45 11.78
CA ARG A 267 0.07 -15.57 10.74
C ARG A 267 0.31 -16.13 9.34
N TYR A 268 -0.70 -16.04 8.47
CA TYR A 268 -0.57 -16.36 7.04
C TYR A 268 0.52 -15.46 6.45
N THR A 269 1.37 -16.06 5.63
CA THR A 269 2.25 -15.33 4.68
C THR A 269 1.38 -14.77 3.55
N CYS A 270 1.97 -13.92 2.70
CA CYS A 270 1.29 -13.45 1.48
C CYS A 270 0.95 -14.67 0.62
N GLU A 271 1.87 -15.62 0.56
CA GLU A 271 1.71 -16.82 -0.30
C GLU A 271 0.50 -17.63 0.20
N GLN A 272 0.43 -17.85 1.51
CA GLN A 272 -0.68 -18.63 2.12
C GLN A 272 -1.98 -17.86 1.87
N ALA A 273 -1.98 -16.55 2.07
CA ALA A 273 -3.20 -15.74 1.86
C ALA A 273 -3.66 -15.85 0.41
N ALA A 274 -2.74 -15.85 -0.55
CA ALA A 274 -3.05 -15.86 -1.99
C ALA A 274 -3.70 -17.20 -2.39
N ARG A 275 -3.49 -18.25 -1.61
CA ARG A 275 -4.08 -19.59 -1.87
C ARG A 275 -5.44 -19.77 -1.16
N HIS A 276 -5.80 -18.89 -0.25
CA HIS A 276 -7.07 -19.00 0.50
C HIS A 276 -8.24 -18.91 -0.48
N PRO A 277 -9.31 -19.71 -0.30
CA PRO A 277 -10.42 -19.70 -1.23
C PRO A 277 -11.04 -18.32 -1.47
N TRP A 278 -10.98 -17.42 -0.51
CA TRP A 278 -11.58 -16.08 -0.66
C TRP A 278 -10.83 -15.31 -1.75
N ILE A 279 -9.53 -15.57 -1.90
CA ILE A 279 -8.68 -14.96 -2.96
C ILE A 279 -8.66 -15.85 -4.21
N ALA A 280 -8.33 -17.14 -4.06
CA ALA A 280 -8.03 -18.05 -5.20
C ALA A 280 -9.27 -18.78 -5.69
N GLY A 281 -10.28 -18.90 -4.86
CA GLY A 281 -11.47 -19.75 -5.09
C GLY A 281 -12.70 -18.90 -5.34
N ASP A 282 -13.89 -19.41 -5.05
CA ASP A 282 -15.12 -18.69 -5.45
C ASP A 282 -15.98 -18.44 -4.22
N THR A 283 -15.34 -18.25 -3.06
CA THR A 283 -16.09 -18.03 -1.81
C THR A 283 -16.45 -16.56 -1.62
N ALA A 284 -15.80 -15.64 -2.34
CA ALA A 284 -16.17 -14.21 -2.17
C ALA A 284 -17.58 -13.98 -2.72
N LEU A 285 -18.41 -13.34 -1.93
CA LEU A 285 -19.83 -13.15 -2.29
C LEU A 285 -20.01 -12.00 -3.31
N ASN A 286 -21.18 -11.97 -3.94
CA ASN A 286 -21.52 -11.02 -5.02
C ASN A 286 -22.70 -10.15 -4.57
N LYS A 287 -22.88 -9.98 -3.26
CA LYS A 287 -23.91 -9.09 -2.68
C LYS A 287 -23.39 -7.66 -2.73
N ASN A 288 -24.23 -6.72 -3.14
CA ASN A 288 -23.91 -5.29 -3.12
C ASN A 288 -23.94 -4.81 -1.66
N ILE A 289 -22.75 -4.56 -1.11
CA ILE A 289 -22.56 -4.07 0.28
C ILE A 289 -22.13 -2.61 0.25
N HIS A 290 -22.26 -1.95 -0.90
CA HIS A 290 -21.84 -0.55 -1.07
C HIS A 290 -22.49 0.37 -0.05
N GLU A 291 -23.79 0.25 0.19
CA GLU A 291 -24.51 1.23 1.03
C GLU A 291 -23.82 1.31 2.39
N SER A 292 -23.65 0.17 3.05
CA SER A 292 -23.11 0.13 4.44
C SER A 292 -21.62 0.50 4.43
N VAL A 293 -20.85 -0.04 3.49
CA VAL A 293 -19.38 0.22 3.48
C VAL A 293 -19.12 1.70 3.24
N SER A 294 -19.82 2.30 2.26
N SER A 294 -19.80 2.29 2.25
CA SER A 294 -19.65 3.73 1.92
CA SER A 294 -19.69 3.72 1.92
C SER A 294 -20.11 4.61 3.09
C SER A 294 -20.08 4.57 3.12
N ALA A 295 -21.22 4.28 3.76
CA ALA A 295 -21.69 5.06 4.94
C ALA A 295 -20.62 5.01 6.04
N GLN A 296 -20.02 3.84 6.28
CA GLN A 296 -19.02 3.70 7.37
C GLN A 296 -17.74 4.43 6.97
N ILE A 297 -17.33 4.36 5.71
CA ILE A 297 -16.10 5.11 5.26
C ILE A 297 -16.33 6.60 5.53
N ARG A 298 -17.49 7.12 5.14
CA ARG A 298 -17.81 8.56 5.29
C ARG A 298 -17.80 8.93 6.78
N LYS A 299 -18.37 8.10 7.66
CA LYS A 299 -18.51 8.41 9.11
C LYS A 299 -17.18 8.25 9.87
N ASN A 300 -16.31 7.33 9.45
CA ASN A 300 -15.16 6.89 10.28
C ASN A 300 -13.87 7.61 9.88
N PHE A 301 -13.87 8.22 8.71
CA PHE A 301 -12.68 8.93 8.17
C PHE A 301 -13.01 10.42 8.01
N ALA A 302 -11.97 11.26 8.04
CA ALA A 302 -12.07 12.73 8.02
C ALA A 302 -13.08 13.18 6.96
S SO4 B . 21.91 20.34 -5.74
O1 SO4 B . 21.68 18.92 -5.52
O2 SO4 B . 21.17 21.08 -4.75
O3 SO4 B . 23.32 20.59 -5.66
O4 SO4 B . 21.45 20.72 -7.06
C1 EDO C . 9.52 -2.33 -8.40
O1 EDO C . 10.53 -3.26 -8.79
C2 EDO C . 9.70 -0.90 -8.82
O2 EDO C . 9.74 -0.68 -10.24
C1 EDO D . -12.06 5.24 13.63
O1 EDO D . -13.20 4.43 13.86
C2 EDO D . -12.24 6.62 14.11
O2 EDO D . -13.05 7.43 13.28
C1 EDO E . 1.20 -14.21 -4.48
O1 EDO E . 1.57 -13.74 -5.75
C2 EDO E . 1.99 -15.38 -4.10
O2 EDO E . 1.57 -16.56 -4.76
S SO4 F . 5.46 -13.83 2.03
O1 SO4 F . 4.74 -14.83 1.29
O2 SO4 F . 4.65 -13.20 3.07
O3 SO4 F . 5.95 -12.82 1.10
O4 SO4 F . 6.61 -14.46 2.63
S SO4 G . -24.15 3.70 12.30
O1 SO4 G . -24.63 2.42 11.79
O2 SO4 G . -25.11 4.24 13.23
O3 SO4 G . -23.97 4.62 11.20
O4 SO4 G . -22.88 3.52 12.98
O M92 H . 2.13 8.73 -8.27
C15 M92 H . 2.81 8.18 -7.39
N4 M92 H . 3.64 7.17 -7.64
C14 M92 H . 2.69 8.67 -5.99
C13 M92 H . 3.69 8.36 -5.05
N3 M92 H . 3.70 8.82 -3.81
C12 M92 H . 2.65 9.57 -3.45
N5 M92 H . 2.57 9.92 -2.16
C20 M92 H . 3.48 9.43 -1.13
C19 M92 H . 2.82 8.25 -0.43
N6 M92 H . 3.74 7.68 0.55
C18 M92 H . 1.48 8.67 0.17
C17 M92 H . 0.61 9.38 -0.87
C16 M92 H . 1.38 10.51 -1.56
N2 M92 H . 1.60 9.90 -4.23
C11 M92 H . 1.63 9.47 -5.50
N1 M92 H . 0.73 10.00 -6.37
C5 M92 H . -0.40 10.82 -6.20
C4 M92 H . -0.96 11.35 -7.36
C6 M92 H . -0.93 11.17 -4.97
C7 M92 H . -1.96 12.10 -4.93
C8 M92 H . -2.62 12.54 -3.62
C10 M92 H . -3.33 11.43 -2.86
C9 M92 H . -1.57 13.22 -2.74
N M92 H . -2.45 12.65 -6.05
C3 M92 H . -1.97 12.29 -7.25
C1 M92 H . -2.59 12.99 -8.45
C2 M92 H . -1.94 14.36 -8.62
C M92 H . -2.52 12.19 -9.74
#